data_8T5K
#
_entry.id   8T5K
#
_cell.length_a   90.340
_cell.length_b   77.110
_cell.length_c   36.160
_cell.angle_alpha   90.000
_cell.angle_beta   97.960
_cell.angle_gamma   90.000
#
_symmetry.space_group_name_H-M   'C 1 2 1'
#
loop_
_entity.id
_entity.type
_entity.pdbx_description
1 polymer 'Stimulator of interferon genes protein'
2 non-polymer '{[(4S)-8,9-dimethylthieno[3,2-e][1,2,4]triazolo[4,3-c]pyrimidin-3-yl]sulfanyl}acetic acid'
3 water water
#
_entity_poly.entity_id   1
_entity_poly.type   'polypeptide(L)'
_entity_poly.pdbx_seq_one_letter_code
;SVAHGLAWSYYIGYLRLILPELQARIRTYNQHYNNLLRGAVSQRLYILLPLDCGVPDNLSMADPNIRFLDKLPQQTADRA
GIKDRVYSNSIYELLENGQRAGTCVLEYATPLQTLFAMSQYSQAGFSREDRLEQAKLFCRTLEDILADAPESQNNCRLIA
YQEPADDSSFSLSQEVLRHLRQEEKEEV
;
_entity_poly.pdbx_strand_id   B
#
# COMPACT_ATOMS: atom_id res chain seq x y z
N SER A 1 15.56 -16.37 -0.34
CA SER A 1 15.59 -15.61 0.91
C SER A 1 14.18 -15.32 1.39
N VAL A 2 14.06 -14.93 2.66
CA VAL A 2 12.75 -14.62 3.23
C VAL A 2 12.06 -13.55 2.42
N ALA A 3 12.70 -12.37 2.30
CA ALA A 3 12.01 -11.25 1.65
C ALA A 3 11.76 -11.52 0.18
N HIS A 4 12.63 -12.29 -0.49
CA HIS A 4 12.34 -12.70 -1.85
C HIS A 4 10.98 -13.39 -1.95
N GLY A 5 10.78 -14.42 -1.11
CA GLY A 5 9.50 -15.11 -1.10
C GLY A 5 8.35 -14.20 -0.73
N LEU A 6 8.54 -13.31 0.25
CA LEU A 6 7.44 -12.45 0.66
C LEU A 6 6.99 -11.51 -0.46
N ALA A 7 7.93 -11.02 -1.26
CA ALA A 7 7.58 -10.17 -2.39
C ALA A 7 6.83 -10.94 -3.47
N TRP A 8 7.28 -12.17 -3.78
CA TRP A 8 6.54 -12.96 -4.75
C TRP A 8 5.16 -13.32 -4.21
N SER A 9 5.07 -13.59 -2.90
CA SER A 9 3.77 -13.86 -2.30
C SER A 9 2.84 -12.66 -2.41
N TYR A 10 3.37 -11.47 -2.13
CA TYR A 10 2.56 -10.25 -2.17
C TYR A 10 2.01 -10.03 -3.57
N TYR A 11 2.81 -10.33 -4.60
CA TYR A 11 2.33 -10.20 -5.97
C TYR A 11 1.37 -11.32 -6.33
N ILE A 12 1.82 -12.58 -6.20
CA ILE A 12 1.04 -13.72 -6.67
C ILE A 12 -0.29 -13.83 -5.92
N GLY A 13 -0.26 -13.67 -4.60
CA GLY A 13 -1.41 -13.94 -3.76
C GLY A 13 -2.29 -12.75 -3.48
N TYR A 14 -1.93 -11.56 -3.98
CA TYR A 14 -2.69 -10.37 -3.66
C TYR A 14 -2.74 -9.40 -4.83
N LEU A 15 -1.60 -8.76 -5.16
CA LEU A 15 -1.62 -7.67 -6.14
C LEU A 15 -2.07 -8.17 -7.52
N ARG A 16 -1.58 -9.34 -7.95
CA ARG A 16 -2.01 -9.90 -9.23
C ARG A 16 -3.52 -10.12 -9.25
N LEU A 17 -4.16 -10.28 -8.10
CA LEU A 17 -5.59 -10.55 -8.08
C LEU A 17 -6.44 -9.29 -7.95
N ILE A 18 -5.94 -8.21 -7.36
CA ILE A 18 -6.79 -7.02 -7.20
C ILE A 18 -6.48 -5.93 -8.23
N LEU A 19 -5.24 -5.88 -8.72
CA LEU A 19 -4.90 -4.78 -9.62
C LEU A 19 -5.67 -4.81 -10.94
N PRO A 20 -5.85 -5.97 -11.60
CA PRO A 20 -6.67 -5.98 -12.83
C PRO A 20 -8.05 -5.39 -12.66
N GLU A 21 -8.59 -5.38 -11.45
CA GLU A 21 -9.94 -4.90 -11.24
C GLU A 21 -10.00 -3.56 -10.54
N LEU A 22 -8.85 -2.95 -10.26
CA LEU A 22 -8.87 -1.72 -9.46
C LEU A 22 -9.41 -0.55 -10.26
N GLN A 23 -8.94 -0.38 -11.50
CA GLN A 23 -9.33 0.78 -12.28
C GLN A 23 -10.85 0.89 -12.41
N ALA A 24 -11.53 -0.25 -12.60
CA ALA A 24 -12.99 -0.20 -12.73
C ALA A 24 -13.67 0.15 -11.41
N ARG A 25 -13.16 -0.37 -10.29
CA ARG A 25 -13.71 -0.03 -8.98
C ARG A 25 -13.53 1.46 -8.69
N ILE A 26 -12.37 2.01 -9.03
CA ILE A 26 -12.12 3.43 -8.79
C ILE A 26 -13.06 4.28 -9.63
N ARG A 27 -13.26 3.92 -10.91
CA ARG A 27 -14.17 4.69 -11.76
C ARG A 27 -15.60 4.61 -11.26
N THR A 28 -16.03 3.44 -10.77
CA THR A 28 -17.37 3.34 -10.21
C THR A 28 -17.54 4.28 -9.03
N TYR A 29 -16.54 4.36 -8.16
CA TYR A 29 -16.61 5.29 -7.04
C TYR A 29 -16.64 6.74 -7.51
N ASN A 30 -15.74 7.11 -8.43
CA ASN A 30 -15.69 8.50 -8.89
C ASN A 30 -16.97 8.89 -9.60
N GLN A 31 -17.63 7.95 -10.27
CA GLN A 31 -18.88 8.21 -10.97
C GLN A 31 -20.09 8.21 -10.05
N HIS A 32 -19.95 7.72 -8.82
CA HIS A 32 -21.02 7.76 -7.84
C HIS A 32 -21.56 9.19 -7.64
N ASN A 34 -22.65 10.78 -5.07
CA ASN A 34 -22.46 11.51 -3.82
C ASN A 34 -21.15 12.29 -3.81
N ASN A 35 -20.17 11.83 -4.61
CA ASN A 35 -18.86 12.45 -4.74
C ASN A 35 -18.85 13.60 -5.74
N LEU A 36 -20.02 14.17 -6.00
CA LEU A 36 -20.24 14.96 -7.21
C LEU A 36 -19.31 16.17 -7.29
N LEU A 37 -19.04 16.80 -6.15
CA LEU A 37 -18.33 18.08 -6.14
C LEU A 37 -16.86 17.93 -5.77
N ARG A 38 -16.39 16.73 -5.48
CA ARG A 38 -15.02 16.51 -5.03
C ARG A 38 -14.13 16.08 -6.18
N GLY A 39 -12.82 16.11 -5.93
CA GLY A 39 -11.87 15.63 -6.91
C GLY A 39 -11.93 14.13 -7.05
N ALA A 40 -11.62 13.67 -8.26
CA ALA A 40 -11.64 12.24 -8.54
C ALA A 40 -10.50 11.54 -7.81
N VAL A 41 -10.77 10.32 -7.33
CA VAL A 41 -9.73 9.46 -6.78
C VAL A 41 -8.73 9.12 -7.87
N SER A 42 -7.45 9.09 -7.51
CA SER A 42 -6.41 8.71 -8.45
C SER A 42 -6.55 7.25 -8.86
N GLN A 43 -5.88 6.88 -9.96
CA GLN A 43 -6.10 5.58 -10.59
C GLN A 43 -5.18 4.47 -10.10
N ARG A 44 -4.27 4.75 -9.17
CA ARG A 44 -3.28 3.77 -8.75
C ARG A 44 -3.46 3.39 -7.29
N LEU A 45 -3.11 2.15 -6.96
CA LEU A 45 -2.99 1.77 -5.56
C LEU A 45 -1.68 2.31 -5.01
N TYR A 46 -1.75 3.14 -3.98
CA TYR A 46 -0.55 3.65 -3.34
C TYR A 46 -0.17 2.70 -2.21
N ILE A 47 1.04 2.15 -2.26
CA ILE A 47 1.50 1.10 -1.35
C ILE A 47 2.61 1.66 -0.48
N LEU A 48 2.37 1.76 0.81
CA LEU A 48 3.35 2.32 1.72
C LEU A 48 4.36 1.24 2.08
N LEU A 49 5.64 1.55 1.90
CA LEU A 49 6.73 0.61 2.17
C LEU A 49 7.69 1.20 3.19
N PRO A 50 7.28 1.27 4.47
CA PRO A 50 8.20 1.76 5.52
C PRO A 50 9.33 0.77 5.77
N LEU A 51 10.57 1.24 5.59
CA LEU A 51 11.68 0.30 5.76
C LEU A 51 11.94 -0.06 7.21
N ASP A 52 11.36 0.64 8.18
CA ASP A 52 11.40 0.15 9.56
C ASP A 52 10.41 -1.00 9.81
N CYS A 53 9.61 -1.36 8.81
CA CYS A 53 8.65 -2.47 8.87
C CYS A 53 7.55 -2.23 9.89
N GLY A 54 7.33 -0.97 10.27
CA GLY A 54 6.25 -0.65 11.17
C GLY A 54 4.97 -0.48 10.38
N VAL A 55 4.04 -1.41 10.54
CA VAL A 55 2.77 -1.32 9.82
C VAL A 55 1.66 -1.10 10.83
N PRO A 56 1.29 0.14 11.12
CA PRO A 56 0.17 0.38 12.03
C PRO A 56 -1.14 0.17 11.30
N ASP A 57 -2.19 -0.05 12.08
CA ASP A 57 -3.47 -0.34 11.44
C ASP A 57 -4.26 0.91 11.09
N ASN A 58 -3.96 2.06 11.68
CA ASN A 58 -4.62 3.31 11.33
C ASN A 58 -3.60 4.33 10.83
N LEU A 59 -3.87 4.87 9.63
CA LEU A 59 -2.96 5.83 9.03
C LEU A 59 -3.04 7.19 9.71
N SER A 60 -4.19 7.54 10.30
CA SER A 60 -4.29 8.81 11.01
C SER A 60 -3.42 8.84 12.26
N MET A 61 -3.11 7.67 12.82
CA MET A 61 -2.08 7.60 13.84
C MET A 61 -0.71 7.97 13.27
N ALA A 62 -0.43 7.50 12.06
CA ALA A 62 0.87 7.76 11.43
C ALA A 62 1.02 9.22 11.06
N ASP A 63 -0.01 9.81 10.46
CA ASP A 63 -0.02 11.24 10.16
C ASP A 63 -1.45 11.76 10.15
N PRO A 64 -1.77 12.72 11.01
CA PRO A 64 -3.10 13.35 10.98
C PRO A 64 -3.39 14.15 9.71
N ASN A 65 -2.41 14.30 8.80
CA ASN A 65 -2.67 14.89 7.50
C ASN A 65 -3.18 13.88 6.48
N ILE A 66 -3.16 12.60 6.83
CA ILE A 66 -3.74 11.54 6.02
C ILE A 66 -4.97 11.07 6.76
N ARG A 67 -6.15 11.40 6.27
CA ARG A 67 -7.37 11.01 6.96
C ARG A 67 -8.25 10.18 6.05
N PHE A 68 -8.82 9.12 6.63
CA PHE A 68 -9.66 8.20 5.90
C PHE A 68 -10.89 8.91 5.34
N LEU A 69 -11.20 8.64 4.07
CA LEU A 69 -12.32 9.27 3.38
C LEU A 69 -13.46 8.29 3.13
N ASP A 70 -13.15 7.10 2.64
CA ASP A 70 -14.19 6.17 2.22
C ASP A 70 -13.55 4.83 1.92
N LYS A 71 -14.37 3.79 1.92
CA LYS A 71 -14.01 2.49 1.39
C LYS A 71 -14.39 2.42 -0.08
N LEU A 72 -13.51 1.84 -0.88
CA LEU A 72 -13.86 1.48 -2.25
C LEU A 72 -14.94 0.39 -2.23
N PRO A 73 -15.80 0.33 -3.25
CA PRO A 73 -16.64 -0.86 -3.44
C PRO A 73 -15.80 -2.13 -3.34
N GLN A 74 -16.19 -3.05 -2.43
CA GLN A 74 -15.35 -4.21 -2.22
C GLN A 74 -15.45 -5.15 -3.41
N GLN A 75 -14.36 -5.87 -3.66
CA GLN A 75 -14.27 -6.89 -4.70
C GLN A 75 -14.36 -8.25 -4.05
N THR A 76 -15.12 -9.16 -4.67
CA THR A 76 -15.20 -10.53 -4.18
C THR A 76 -14.81 -11.49 -5.29
N ALA A 77 -14.22 -12.63 -4.88
CA ALA A 77 -13.89 -13.72 -5.79
C ALA A 77 -13.77 -15.02 -5.00
N ASP A 78 -14.09 -16.14 -5.66
CA ASP A 78 -13.80 -17.44 -5.08
C ASP A 78 -12.29 -17.65 -5.07
N ARG A 79 -11.76 -18.08 -3.93
CA ARG A 79 -10.32 -18.22 -3.79
C ARG A 79 -9.97 -19.34 -2.82
N ALA A 80 -9.21 -20.32 -3.32
CA ALA A 80 -8.68 -21.41 -2.49
C ALA A 80 -9.75 -22.05 -1.62
N GLY A 81 -10.95 -22.20 -2.17
CA GLY A 81 -12.01 -22.84 -1.43
C GLY A 81 -12.87 -21.91 -0.64
N ILE A 82 -12.50 -20.63 -0.56
CA ILE A 82 -13.30 -19.62 0.11
C ILE A 82 -14.23 -18.99 -0.93
N LYS A 83 -15.53 -19.23 -0.79
CA LYS A 83 -16.48 -18.55 -1.65
C LYS A 83 -16.54 -17.08 -1.28
N ASP A 84 -16.58 -16.22 -2.30
CA ASP A 84 -16.71 -14.78 -2.11
C ASP A 84 -15.71 -14.24 -1.08
N ARG A 85 -14.45 -14.67 -1.23
CA ARG A 85 -13.37 -13.99 -0.52
C ARG A 85 -13.39 -12.51 -0.91
N VAL A 86 -13.29 -11.64 0.09
CA VAL A 86 -13.54 -10.21 -0.08
C VAL A 86 -12.22 -9.45 -0.01
N TYR A 87 -12.01 -8.54 -0.97
CA TYR A 87 -10.91 -7.59 -0.95
C TYR A 87 -11.50 -6.20 -0.73
N SER A 88 -11.24 -5.62 0.43
CA SER A 88 -11.59 -4.23 0.67
C SER A 88 -10.35 -3.36 0.56
N ASN A 89 -10.58 -2.11 0.18
CA ASN A 89 -9.50 -1.13 0.13
C ASN A 89 -10.10 0.21 0.51
N SER A 90 -9.26 1.09 1.06
CA SER A 90 -9.73 2.33 1.64
C SER A 90 -9.17 3.53 0.88
N ILE A 91 -9.98 4.58 0.79
CA ILE A 91 -9.63 5.81 0.12
C ILE A 91 -9.26 6.86 1.16
N TYR A 92 -8.13 7.53 0.95
CA TYR A 92 -7.63 8.54 1.86
C TYR A 92 -7.50 9.87 1.14
N GLU A 93 -7.77 10.95 1.86
CA GLU A 93 -7.45 12.28 1.36
C GLU A 93 -6.17 12.76 2.03
N LEU A 94 -5.38 13.52 1.29
CA LEU A 94 -4.13 14.06 1.77
C LEU A 94 -4.30 15.55 1.96
N LEU A 95 -4.04 16.02 3.17
CA LEU A 95 -4.22 17.42 3.52
C LEU A 95 -2.89 18.15 3.42
N GLU A 96 -2.95 19.37 2.90
CA GLU A 96 -1.79 20.24 2.83
C GLU A 96 -2.26 21.62 3.24
N ASN A 97 -1.80 22.08 4.40
CA ASN A 97 -2.27 23.32 5.01
C ASN A 97 -3.80 23.29 5.17
N GLY A 98 -4.31 22.17 5.67
CA GLY A 98 -5.72 22.05 5.97
C GLY A 98 -6.64 22.18 4.77
N GLN A 99 -6.18 21.81 3.58
CA GLN A 99 -7.02 21.74 2.40
C GLN A 99 -6.66 20.47 1.65
N ARG A 100 -7.61 19.94 0.88
CA ARG A 100 -7.40 18.66 0.21
C ARG A 100 -6.47 18.86 -0.97
N ALA A 101 -5.30 18.21 -0.93
CA ALA A 101 -4.34 18.25 -2.02
C ALA A 101 -4.31 16.98 -2.86
N GLY A 102 -5.08 15.95 -2.49
CA GLY A 102 -5.08 14.71 -3.27
C GLY A 102 -5.98 13.69 -2.60
N THR A 103 -6.27 12.63 -3.37
CA THR A 103 -7.19 11.58 -2.96
C THR A 103 -6.78 10.28 -3.63
N CYS A 104 -6.55 9.22 -2.86
CA CYS A 104 -6.06 7.98 -3.45
C CYS A 104 -6.40 6.79 -2.57
N VAL A 105 -6.45 5.62 -3.20
CA VAL A 105 -6.46 4.35 -2.48
C VAL A 105 -5.06 4.08 -1.92
N LEU A 106 -4.99 3.73 -0.64
CA LEU A 106 -3.72 3.76 0.05
C LEU A 106 -3.72 2.69 1.14
N GLU A 107 -2.61 1.96 1.25
CA GLU A 107 -2.48 0.96 2.28
C GLU A 107 -1.00 0.62 2.44
N TYR A 108 -0.69 -0.06 3.55
CA TYR A 108 0.66 -0.57 3.81
C TYR A 108 0.84 -1.95 3.16
N ALA A 109 2.07 -2.24 2.76
CA ALA A 109 2.43 -3.58 2.33
C ALA A 109 2.55 -4.46 3.57
N THR A 110 1.50 -5.18 3.91
CA THR A 110 1.53 -5.98 5.14
C THR A 110 2.68 -6.99 5.23
N PRO A 111 3.27 -7.53 4.15
CA PRO A 111 4.39 -8.48 4.36
C PRO A 111 5.57 -7.90 5.10
N LEU A 112 5.72 -6.56 5.11
CA LEU A 112 6.75 -5.95 5.93
C LEU A 112 6.52 -6.23 7.41
N GLN A 113 5.26 -6.35 7.82
CA GLN A 113 4.99 -6.71 9.21
C GLN A 113 5.42 -8.14 9.50
N THR A 114 5.45 -9.02 8.49
CA THR A 114 6.00 -10.35 8.73
C THR A 114 7.49 -10.28 9.05
N LEU A 115 8.25 -9.45 8.32
CA LEU A 115 9.66 -9.27 8.67
C LEU A 115 9.80 -8.71 10.08
N PHE A 116 8.97 -7.73 10.43
CA PHE A 116 9.05 -7.17 11.76
C PHE A 116 8.81 -8.23 12.83
N ALA A 117 7.77 -9.04 12.65
CA ALA A 117 7.44 -10.06 13.64
C ALA A 117 8.52 -11.14 13.68
N MET A 118 9.00 -11.58 12.52
CA MET A 118 10.05 -12.58 12.52
C MET A 118 11.28 -12.10 13.27
N SER A 119 11.57 -10.80 13.22
CA SER A 119 12.70 -10.28 13.97
C SER A 119 12.40 -10.24 15.46
N GLN A 120 11.12 -10.31 15.86
CA GLN A 120 10.76 -10.28 17.28
C GLN A 120 10.69 -11.65 17.93
N TYR A 121 10.40 -12.71 17.15
CA TYR A 121 10.20 -14.06 17.68
C TYR A 121 11.46 -14.90 17.49
N SER A 122 12.00 -15.42 18.58
CA SER A 122 13.26 -16.13 18.49
C SER A 122 13.13 -17.41 17.66
N GLN A 123 11.94 -18.02 17.63
CA GLN A 123 11.75 -19.24 16.85
C GLN A 123 11.88 -18.97 15.34
N ALA A 124 11.73 -17.71 14.90
CA ALA A 124 11.91 -17.39 13.48
C ALA A 124 13.37 -17.41 13.04
N GLY A 125 14.31 -17.44 13.97
CA GLY A 125 15.73 -17.38 13.59
C GLY A 125 16.04 -16.24 12.66
N PHE A 126 15.47 -15.07 12.93
CA PHE A 126 15.59 -13.90 12.06
C PHE A 126 16.09 -12.76 12.92
N SER A 127 17.24 -12.21 12.57
CA SER A 127 17.87 -11.23 13.43
C SER A 127 17.32 -9.84 13.18
N ARG A 128 17.16 -9.06 14.25
CA ARG A 128 16.77 -7.66 14.09
C ARG A 128 17.74 -6.92 13.19
N GLU A 129 19.02 -7.23 13.31
CA GLU A 129 20.05 -6.53 12.55
C GLU A 129 19.97 -6.82 11.05
N ASP A 130 19.27 -7.88 10.64
CA ASP A 130 19.11 -8.16 9.23
C ASP A 130 17.84 -7.57 8.65
N ARG A 131 16.96 -7.00 9.47
CA ARG A 131 15.64 -6.67 8.99
C ARG A 131 15.69 -5.56 7.96
N LEU A 132 16.56 -4.57 8.16
CA LEU A 132 16.58 -3.44 7.24
C LEU A 132 16.97 -3.88 5.83
N GLU A 133 17.99 -4.72 5.71
CA GLU A 133 18.37 -5.16 4.37
C GLU A 133 17.32 -6.07 3.76
N GLN A 134 16.63 -6.86 4.58
CA GLN A 134 15.52 -7.66 4.04
C GLN A 134 14.37 -6.78 3.59
N ALA A 135 14.09 -5.70 4.31
CA ALA A 135 13.01 -4.83 3.88
C ALA A 135 13.35 -4.16 2.55
N LYS A 136 14.61 -3.74 2.39
CA LYS A 136 15.04 -3.16 1.11
C LYS A 136 14.97 -4.20 0.00
N LEU A 137 15.39 -5.44 0.29
CA LEU A 137 15.30 -6.49 -0.71
C LEU A 137 13.85 -6.78 -1.09
N PHE A 138 12.93 -6.72 -0.12
CA PHE A 138 11.50 -6.87 -0.43
C PHE A 138 11.05 -5.83 -1.43
N CYS A 139 11.39 -4.56 -1.19
CA CYS A 139 10.97 -3.48 -2.07
C CYS A 139 11.61 -3.64 -3.45
N ARG A 140 12.90 -3.95 -3.49
CA ARG A 140 13.59 -4.10 -4.78
C ARG A 140 12.98 -5.22 -5.59
N THR A 141 12.69 -6.35 -4.95
CA THR A 141 12.10 -7.48 -5.66
C THR A 141 10.71 -7.14 -6.17
N LEU A 142 9.90 -6.48 -5.34
CA LEU A 142 8.57 -6.10 -5.76
C LEU A 142 8.63 -5.15 -6.96
N GLU A 143 9.53 -4.16 -6.94
CA GLU A 143 9.77 -3.34 -8.12
C GLU A 143 10.16 -4.18 -9.33
N ASP A 144 11.13 -5.10 -9.17
CA ASP A 144 11.52 -5.95 -10.29
C ASP A 144 10.30 -6.69 -10.87
N ILE A 145 9.49 -7.28 -9.98
CA ILE A 145 8.31 -8.03 -10.44
C ILE A 145 7.36 -7.11 -11.19
N LEU A 146 6.96 -5.99 -10.56
CA LEU A 146 5.89 -5.16 -11.11
C LEU A 146 6.27 -4.53 -12.42
N ALA A 147 7.56 -4.34 -12.68
CA ALA A 147 7.99 -3.78 -13.95
C ALA A 147 7.58 -4.68 -15.12
N ASP A 148 7.68 -6.00 -14.95
CA ASP A 148 7.37 -6.93 -16.02
C ASP A 148 5.95 -7.48 -15.93
N ALA A 149 5.21 -7.22 -14.86
CA ALA A 149 3.97 -7.95 -14.65
C ALA A 149 2.85 -7.31 -15.47
N PRO A 150 2.08 -8.09 -16.23
CA PRO A 150 1.00 -7.50 -17.05
C PRO A 150 -0.16 -6.96 -16.22
N GLU A 151 -0.40 -7.50 -15.02
CA GLU A 151 -1.47 -6.98 -14.16
C GLU A 151 -1.12 -5.58 -13.65
N SER A 152 0.08 -5.41 -13.13
CA SER A 152 0.46 -4.24 -12.35
C SER A 152 1.09 -3.16 -13.18
N GLN A 153 0.52 -2.89 -14.35
CA GLN A 153 1.05 -1.95 -15.31
C GLN A 153 0.33 -0.60 -15.15
N ASN A 154 0.99 0.33 -14.44
CA ASN A 154 0.51 1.71 -14.30
C ASN A 154 -0.80 1.76 -13.49
N ASN A 155 -0.86 0.98 -12.41
CA ASN A 155 -1.99 1.12 -11.50
C ASN A 155 -1.59 0.81 -10.07
N CYS A 156 -0.30 0.91 -9.75
CA CYS A 156 0.10 1.05 -8.36
C CYS A 156 1.36 1.91 -8.30
N ARG A 157 1.63 2.45 -7.11
CA ARG A 157 2.75 3.34 -6.88
C ARG A 157 3.39 2.94 -5.57
N LEU A 158 4.67 2.59 -5.61
CA LEU A 158 5.40 2.15 -4.43
C LEU A 158 5.98 3.36 -3.72
N ILE A 159 5.62 3.53 -2.45
CA ILE A 159 6.15 4.64 -1.66
C ILE A 159 7.03 4.07 -0.56
N ALA A 160 8.33 4.01 -0.81
CA ALA A 160 9.27 3.47 0.16
C ALA A 160 9.90 4.63 0.93
N TYR A 161 10.10 4.45 2.23
CA TYR A 161 10.64 5.55 3.03
C TYR A 161 11.25 5.00 4.32
N GLN A 162 12.07 5.84 4.94
CA GLN A 162 12.77 5.48 6.17
C GLN A 162 12.79 6.70 7.07
N GLU A 163 12.05 6.65 8.18
CA GLU A 163 11.96 7.80 9.07
C GLU A 163 13.27 7.99 9.84
N PRO A 164 13.61 9.24 10.18
CA PRO A 164 14.84 9.56 10.91
C PRO A 164 14.87 8.96 12.31
N ASP A 167 15.74 12.64 14.71
CA ASP A 167 15.17 13.89 14.19
C ASP A 167 13.65 13.93 14.37
N SER A 168 12.99 12.85 13.98
CA SER A 168 11.55 12.64 14.17
C SER A 168 10.70 13.54 13.28
N SER A 169 11.31 14.50 12.58
CA SER A 169 10.60 15.41 11.69
C SER A 169 10.37 14.72 10.35
N PHE A 170 9.22 14.06 10.21
CA PHE A 170 8.87 13.35 8.99
C PHE A 170 7.38 13.49 8.70
N SER A 171 7.05 13.76 7.44
CA SER A 171 5.67 13.89 6.99
C SER A 171 5.37 12.79 5.99
N LEU A 172 4.58 11.79 6.42
CA LEU A 172 4.18 10.74 5.49
C LEU A 172 3.29 11.31 4.39
N SER A 173 2.42 12.27 4.74
CA SER A 173 1.53 12.85 3.75
C SER A 173 2.31 13.50 2.62
N GLN A 174 3.40 14.19 2.96
CA GLN A 174 4.22 14.83 1.94
C GLN A 174 4.88 13.80 1.02
N GLU A 175 5.24 12.62 1.56
CA GLU A 175 5.76 11.55 0.72
C GLU A 175 4.76 11.17 -0.35
N VAL A 176 3.52 10.89 0.05
CA VAL A 176 2.50 10.46 -0.91
C VAL A 176 2.20 11.58 -1.91
N LEU A 177 2.07 12.82 -1.41
CA LEU A 177 1.74 13.93 -2.30
C LEU A 177 2.81 14.14 -3.36
N ARG A 178 4.07 13.92 -3.00
CA ARG A 178 5.16 13.97 -3.98
C ARG A 178 4.88 13.04 -5.14
N HIS A 179 4.46 11.80 -4.84
CA HIS A 179 4.21 10.81 -5.90
C HIS A 179 2.93 11.12 -6.65
N LEU A 180 1.90 11.60 -5.95
CA LEU A 180 0.62 11.87 -6.60
C LEU A 180 0.76 12.91 -7.71
N ARG A 181 1.30 14.09 -7.36
CA ARG A 181 1.34 15.22 -8.28
C ARG A 181 2.33 15.04 -9.42
N GLN A 182 3.04 13.93 -9.48
CA GLN A 182 3.88 13.64 -10.63
C GLN A 182 3.12 12.96 -11.76
N GLU A 183 1.79 12.94 -11.69
CA GLU A 183 0.96 12.35 -12.73
C GLU A 183 -0.03 13.39 -13.27
#